data_3QZC
#
_entry.id   3QZC
#
_cell.length_a   88.031
_cell.length_b   88.031
_cell.length_c   134.931
_cell.angle_alpha   90.000
_cell.angle_beta   90.000
_cell.angle_gamma   120.000
#
_symmetry.space_group_name_H-M   'P 61 2 2'
#
loop_
_entity.id
_entity.type
_entity.pdbx_description
1 polymer 'Periplasmic protein CpxP'
2 non-polymer 'ZINC ION'
3 water water
#
_entity_poly.entity_id   1
_entity_poly.type   'polypeptide(L)'
_entity_poly.pdbx_seq_one_letter_code
;GPLGSSTQSHMFDGISLTEHQRQQMRDLMQQARHEQPPVNVSELETMHRLVTAENFDENAVRAQAEKMANEQIARQVEMA
KVRNQMYRLLTPEQQAVLNEKHQQRMEQLRDVTQWQK
;
_entity_poly.pdbx_strand_id   A,B
#
# COMPACT_ATOMS: atom_id res chain seq x y z
N HIS A 10 -3.49 -2.81 15.16
CA HIS A 10 -4.43 -2.83 14.03
C HIS A 10 -5.49 -3.94 14.15
N MET A 11 -5.22 -5.09 13.54
CA MET A 11 -6.19 -6.19 13.48
C MET A 11 -6.42 -6.90 14.81
N PHE A 12 -5.52 -6.67 15.76
CA PHE A 12 -5.71 -7.18 17.11
C PHE A 12 -6.12 -6.06 18.05
N ASP A 13 -5.99 -4.82 17.57
CA ASP A 13 -6.45 -3.66 18.33
C ASP A 13 -7.65 -4.11 19.17
N GLY A 14 -7.42 -4.34 20.47
CA GLY A 14 -8.47 -4.75 21.38
C GLY A 14 -8.59 -6.23 21.72
N ILE A 15 -7.46 -6.90 21.94
CA ILE A 15 -7.46 -8.30 22.30
C ILE A 15 -6.18 -8.66 23.04
N SER A 16 -6.32 -9.40 24.14
CA SER A 16 -5.15 -9.81 24.90
C SER A 16 -5.45 -10.98 25.82
N LEU A 17 -4.74 -12.11 25.71
CA LEU A 17 -3.62 -12.43 24.78
C LEU A 17 -2.36 -12.78 25.54
N THR A 18 -2.15 -14.06 25.81
CA THR A 18 -1.06 -14.50 26.67
C THR A 18 0.29 -14.10 26.10
N GLU A 19 1.30 -14.08 26.96
CA GLU A 19 2.67 -13.80 26.51
C GLU A 19 3.19 -14.88 25.57
N HIS A 20 2.92 -16.16 25.89
CA HIS A 20 3.39 -17.25 25.06
C HIS A 20 2.93 -17.05 23.61
N GLN A 21 1.63 -16.81 23.44
CA GLN A 21 1.08 -16.64 22.10
C GLN A 21 1.46 -15.29 21.48
N ARG A 22 1.67 -14.28 22.30
CA ARG A 22 2.15 -12.98 21.82
C ARG A 22 3.54 -13.14 21.17
N GLN A 23 4.41 -13.92 21.81
CA GLN A 23 5.70 -14.23 21.23
C GLN A 23 5.57 -15.13 20.00
N GLN A 24 4.68 -16.12 20.05
CA GLN A 24 4.39 -16.91 18.84
C GLN A 24 4.09 -16.00 17.64
N MET A 25 3.20 -15.04 17.86
CA MET A 25 2.79 -14.13 16.80
C MET A 25 3.91 -13.22 16.32
N ARG A 26 4.72 -12.69 17.25
CA ARG A 26 5.85 -11.86 16.82
C ARG A 26 6.90 -12.66 16.04
N ASP A 27 7.23 -13.86 16.54
CA ASP A 27 8.04 -14.83 15.83
C ASP A 27 7.54 -15.01 14.39
N LEU A 28 6.27 -15.39 14.27
CA LEU A 28 5.65 -15.58 12.97
C LEU A 28 5.75 -14.33 12.10
N MET A 29 5.65 -13.16 12.73
CA MET A 29 5.76 -11.88 12.03
C MET A 29 7.14 -11.67 11.42
N GLN A 30 8.19 -11.93 12.20
CA GLN A 30 9.55 -11.85 11.67
C GLN A 30 9.72 -12.81 10.50
N GLN A 31 9.38 -14.08 10.74
CA GLN A 31 9.59 -15.09 9.70
C GLN A 31 8.72 -14.78 8.47
N ALA A 32 7.71 -13.95 8.67
CA ALA A 32 6.83 -13.53 7.58
C ALA A 32 7.49 -12.42 6.78
N ARG A 33 8.08 -11.45 7.48
CA ARG A 33 8.87 -10.43 6.78
C ARG A 33 10.02 -11.16 6.09
N HIS A 34 10.17 -12.43 6.43
CA HIS A 34 11.07 -13.30 5.67
C HIS A 34 10.40 -13.88 4.40
N GLU A 35 9.35 -14.71 4.54
CA GLU A 35 8.77 -15.38 3.36
C GLU A 35 8.21 -14.44 2.29
N GLN A 36 8.01 -13.16 2.64
CA GLN A 36 7.34 -12.22 1.74
C GLN A 36 8.32 -11.61 0.76
N PRO A 37 7.82 -11.11 -0.39
CA PRO A 37 8.76 -10.56 -1.37
C PRO A 37 9.30 -9.21 -0.93
N PRO A 38 10.60 -8.99 -1.11
CA PRO A 38 11.21 -7.68 -0.85
C PRO A 38 10.71 -6.65 -1.83
N VAL A 39 10.78 -5.37 -1.44
CA VAL A 39 10.44 -4.28 -2.35
C VAL A 39 11.38 -4.26 -3.53
N ASN A 40 10.86 -4.51 -4.73
CA ASN A 40 11.68 -4.45 -5.93
C ASN A 40 12.08 -3.01 -6.22
N VAL A 41 13.26 -2.62 -5.73
CA VAL A 41 13.73 -1.26 -5.89
C VAL A 41 14.04 -0.98 -7.35
N SER A 42 14.23 -2.04 -8.13
CA SER A 42 14.51 -1.87 -9.54
C SER A 42 13.30 -1.24 -10.22
N GLU A 43 12.17 -1.93 -10.14
CA GLU A 43 10.94 -1.46 -10.78
C GLU A 43 10.65 -0.06 -10.31
N LEU A 44 10.90 0.18 -9.04
CA LEU A 44 10.75 1.52 -8.49
C LEU A 44 11.63 2.51 -9.26
N GLU A 45 12.88 2.12 -9.52
CA GLU A 45 13.78 2.93 -10.31
C GLU A 45 13.12 3.28 -11.63
N THR A 46 12.90 2.27 -12.46
CA THR A 46 12.42 2.53 -13.81
C THR A 46 11.07 3.28 -13.78
N MET A 47 10.37 3.17 -12.67
CA MET A 47 9.10 3.87 -12.53
C MET A 47 9.36 5.35 -12.34
N HIS A 48 10.09 5.69 -11.29
CA HIS A 48 10.47 7.07 -11.04
C HIS A 48 10.97 7.67 -12.33
N ARG A 49 11.85 6.91 -12.97
CA ARG A 49 12.42 7.29 -14.25
C ARG A 49 11.34 7.66 -15.26
N LEU A 50 10.33 6.81 -15.42
CA LEU A 50 9.21 7.14 -16.30
C LEU A 50 8.51 8.41 -15.88
N VAL A 51 8.07 8.45 -14.63
CA VAL A 51 7.33 9.57 -14.09
C VAL A 51 8.06 10.90 -14.26
N THR A 52 9.39 10.85 -14.33
CA THR A 52 10.17 12.08 -14.43
C THR A 52 10.68 12.40 -15.83
N ALA A 53 10.10 11.78 -16.85
CA ALA A 53 10.55 12.02 -18.23
C ALA A 53 9.87 13.25 -18.83
N GLU A 54 10.55 13.91 -19.77
CA GLU A 54 10.03 15.15 -20.37
C GLU A 54 8.67 14.97 -21.02
N ASN A 55 8.48 13.82 -21.67
CA ASN A 55 7.19 13.44 -22.24
C ASN A 55 6.68 12.14 -21.62
N PHE A 56 5.37 12.03 -21.49
CA PHE A 56 4.75 10.97 -20.68
C PHE A 56 4.18 9.83 -21.52
N ASP A 57 4.68 8.61 -21.28
CA ASP A 57 4.24 7.42 -22.02
C ASP A 57 3.24 6.64 -21.18
N GLU A 58 1.94 6.88 -21.41
CA GLU A 58 0.87 6.18 -20.71
C GLU A 58 1.11 4.67 -20.67
N ASN A 59 1.25 4.08 -21.85
CA ASN A 59 1.40 2.63 -21.97
C ASN A 59 2.61 2.10 -21.22
N ALA A 60 3.73 2.81 -21.35
CA ALA A 60 4.96 2.42 -20.66
C ALA A 60 4.67 2.31 -19.16
N VAL A 61 4.14 3.40 -18.61
CA VAL A 61 3.73 3.44 -17.21
C VAL A 61 2.79 2.29 -16.85
N ARG A 62 1.87 1.95 -17.74
CA ARG A 62 0.98 0.81 -17.50
C ARG A 62 1.85 -0.43 -17.29
N ALA A 63 2.68 -0.71 -18.28
CA ALA A 63 3.56 -1.87 -18.23
C ALA A 63 4.25 -1.97 -16.89
N GLN A 64 4.79 -0.85 -16.41
CA GLN A 64 5.48 -0.88 -15.12
C GLN A 64 4.54 -1.15 -13.95
N ALA A 65 3.43 -0.40 -13.90
CA ALA A 65 2.43 -0.61 -12.86
C ALA A 65 2.15 -2.10 -12.71
N GLU A 66 1.82 -2.77 -13.81
CA GLU A 66 1.56 -4.20 -13.74
C GLU A 66 2.78 -4.98 -13.19
N LYS A 67 3.89 -4.80 -13.91
CA LYS A 67 5.12 -5.47 -13.56
C LYS A 67 5.36 -5.43 -12.06
N MET A 68 4.82 -4.42 -11.37
CA MET A 68 4.97 -4.28 -9.92
C MET A 68 3.82 -4.96 -9.19
N ALA A 69 2.66 -4.82 -9.80
CA ALA A 69 1.45 -5.46 -9.32
C ALA A 69 1.78 -6.87 -8.86
N ASN A 70 2.51 -7.62 -9.68
CA ASN A 70 2.82 -8.99 -9.24
C ASN A 70 3.36 -9.11 -7.79
N GLU A 71 4.38 -8.33 -7.45
CA GLU A 71 4.90 -8.37 -6.10
C GLU A 71 3.82 -7.94 -5.13
N GLN A 72 2.99 -6.99 -5.57
CA GLN A 72 1.94 -6.52 -4.68
C GLN A 72 1.06 -7.69 -4.26
N ILE A 73 0.60 -8.44 -5.25
CA ILE A 73 -0.21 -9.61 -5.01
C ILE A 73 0.47 -10.61 -4.07
N ALA A 74 1.67 -11.07 -4.45
CA ALA A 74 2.36 -12.04 -3.59
C ALA A 74 2.44 -11.55 -2.13
N ARG A 75 2.64 -10.25 -1.97
CA ARG A 75 2.66 -9.69 -0.63
C ARG A 75 1.31 -9.92 0.03
N GLN A 76 0.24 -9.47 -0.61
CA GLN A 76 -1.09 -9.64 -0.01
C GLN A 76 -1.37 -11.08 0.40
N VAL A 77 -0.98 -12.01 -0.46
CA VAL A 77 -1.27 -13.40 -0.21
C VAL A 77 -0.47 -13.93 0.98
N GLU A 78 0.81 -13.56 1.06
CA GLU A 78 1.62 -14.08 2.16
C GLU A 78 1.16 -13.45 3.48
N MET A 79 0.89 -12.16 3.44
CA MET A 79 0.36 -11.46 4.60
C MET A 79 -0.93 -12.11 5.09
N ALA A 80 -1.83 -12.46 4.18
CA ALA A 80 -3.05 -13.16 4.58
C ALA A 80 -2.72 -14.55 5.15
N LYS A 81 -1.75 -15.22 4.53
CA LYS A 81 -1.38 -16.55 4.96
C LYS A 81 -1.05 -16.47 6.45
N VAL A 82 -0.25 -15.47 6.80
CA VAL A 82 0.23 -15.35 8.18
C VAL A 82 -0.83 -14.84 9.15
N ARG A 83 -1.57 -13.82 8.73
CA ARG A 83 -2.68 -13.35 9.54
C ARG A 83 -3.56 -14.53 9.92
N ASN A 84 -3.85 -15.40 8.97
CA ASN A 84 -4.68 -16.57 9.22
C ASN A 84 -4.00 -17.57 10.15
N GLN A 85 -2.68 -17.69 10.05
CA GLN A 85 -1.95 -18.53 11.00
C GLN A 85 -2.18 -18.03 12.42
N MET A 86 -2.06 -16.71 12.56
CA MET A 86 -2.21 -16.04 13.84
C MET A 86 -3.62 -16.22 14.38
N TYR A 87 -4.60 -15.98 13.53
CA TYR A 87 -5.98 -16.19 13.92
C TYR A 87 -6.12 -17.61 14.46
N ARG A 88 -5.60 -18.58 13.73
CA ARG A 88 -5.63 -19.94 14.24
C ARG A 88 -5.11 -20.00 15.69
N LEU A 89 -3.95 -19.41 15.94
CA LEU A 89 -3.39 -19.46 17.31
C LEU A 89 -4.38 -19.02 18.42
N LEU A 90 -5.41 -18.27 18.05
CA LEU A 90 -6.32 -17.70 19.04
C LEU A 90 -7.22 -18.74 19.73
N THR A 91 -7.84 -18.30 20.82
CA THR A 91 -8.80 -19.13 21.54
C THR A 91 -10.19 -18.67 21.18
N PRO A 92 -11.14 -19.60 21.22
CA PRO A 92 -12.56 -19.32 20.97
C PRO A 92 -13.00 -17.95 21.48
N GLU A 93 -12.74 -17.67 22.76
CA GLU A 93 -13.09 -16.38 23.34
C GLU A 93 -12.51 -15.25 22.50
N GLN A 94 -11.18 -15.24 22.44
CA GLN A 94 -10.46 -14.21 21.72
C GLN A 94 -10.99 -14.05 20.31
N GLN A 95 -11.23 -15.16 19.62
CA GLN A 95 -11.76 -15.10 18.27
C GLN A 95 -13.10 -14.37 18.24
N ALA A 96 -13.95 -14.64 19.23
CA ALA A 96 -15.21 -13.89 19.34
C ALA A 96 -14.98 -12.38 19.57
N VAL A 97 -14.07 -12.03 20.47
CA VAL A 97 -13.74 -10.61 20.67
C VAL A 97 -13.33 -9.98 19.34
N LEU A 98 -12.47 -10.69 18.62
CA LEU A 98 -12.05 -10.26 17.30
C LEU A 98 -13.27 -10.01 16.44
N ASN A 99 -14.27 -10.90 16.49
CA ASN A 99 -15.48 -10.63 15.70
C ASN A 99 -16.17 -9.34 16.12
N GLU A 100 -16.18 -9.09 17.43
CA GLU A 100 -16.71 -7.82 17.95
C GLU A 100 -16.01 -6.65 17.26
N LYS A 101 -14.69 -6.57 17.44
CA LYS A 101 -13.92 -5.48 16.83
C LYS A 101 -14.16 -5.38 15.32
N HIS A 102 -14.20 -6.53 14.65
CA HIS A 102 -14.40 -6.56 13.21
C HIS A 102 -15.70 -5.87 12.86
N GLN A 103 -16.75 -6.21 13.61
CA GLN A 103 -18.07 -5.67 13.33
C GLN A 103 -18.15 -4.19 13.66
N GLN A 104 -17.49 -3.77 14.75
CA GLN A 104 -17.40 -2.36 15.08
C GLN A 104 -16.79 -1.61 13.91
N ARG A 105 -15.55 -1.97 13.60
CA ARG A 105 -14.83 -1.45 12.44
C ARG A 105 -15.79 -1.32 11.26
N MET A 106 -16.49 -2.42 10.96
CA MET A 106 -17.41 -2.42 9.83
C MET A 106 -18.52 -1.40 9.99
N GLU A 107 -19.03 -1.23 11.21
CA GLU A 107 -20.05 -0.22 11.44
C GLU A 107 -19.47 1.13 11.10
N GLN A 108 -18.43 1.55 11.83
CA GLN A 108 -17.80 2.84 11.55
C GLN A 108 -17.70 3.02 10.04
N LEU A 109 -17.05 2.07 9.38
CA LEU A 109 -16.87 2.17 7.94
C LEU A 109 -18.19 2.46 7.21
N ARG A 110 -19.16 1.56 7.35
CA ARG A 110 -20.45 1.74 6.69
C ARG A 110 -21.08 3.09 7.03
N ASP A 111 -21.50 3.26 8.29
CA ASP A 111 -22.09 4.51 8.75
C ASP A 111 -21.38 5.72 8.13
N VAL A 112 -20.09 5.58 7.84
CA VAL A 112 -19.33 6.67 7.23
C VAL A 112 -19.45 6.70 5.69
N THR A 113 -19.62 5.52 5.10
CA THR A 113 -19.63 5.38 3.65
C THR A 113 -20.94 5.90 3.06
N GLN A 114 -21.77 6.46 3.93
CA GLN A 114 -23.00 7.11 3.49
C GLN A 114 -23.05 8.50 4.09
N TRP A 115 -21.88 9.01 4.49
CA TRP A 115 -21.79 10.33 5.10
C TRP A 115 -21.11 11.32 4.16
N GLN A 116 -21.75 12.48 3.99
CA GLN A 116 -22.97 12.78 4.75
C GLN A 116 -24.20 12.67 3.86
N LYS A 117 -24.92 11.56 3.99
CA LYS A 117 -26.08 11.28 3.14
C LYS A 117 -27.12 10.49 3.94
N SER B 6 -1.16 5.79 -1.74
CA SER B 6 -0.88 6.86 -0.79
C SER B 6 -0.04 8.00 -1.39
N THR B 7 -0.37 9.23 -0.99
CA THR B 7 0.33 10.42 -1.47
C THR B 7 1.83 10.33 -1.28
N GLN B 8 2.57 10.90 -2.23
CA GLN B 8 4.02 10.96 -2.14
C GLN B 8 4.44 11.91 -1.03
N SER B 9 3.57 12.87 -0.71
CA SER B 9 3.83 13.84 0.35
C SER B 9 4.18 13.15 1.67
N HIS B 10 5.22 13.62 2.34
CA HIS B 10 5.96 14.83 1.96
C HIS B 10 6.84 14.72 0.71
N MET B 11 6.24 14.97 -0.46
CA MET B 11 6.94 14.85 -1.75
C MET B 11 7.74 16.11 -2.04
N PHE B 12 7.26 17.23 -1.52
CA PHE B 12 7.92 18.51 -1.70
C PHE B 12 8.61 18.92 -0.40
N ASP B 13 8.91 17.93 0.42
CA ASP B 13 9.67 18.17 1.64
C ASP B 13 11.10 18.48 1.22
N GLY B 14 11.71 19.39 1.96
CA GLY B 14 13.05 19.86 1.63
C GLY B 14 12.99 20.73 0.39
N ILE B 15 11.78 20.91 -0.15
CA ILE B 15 11.62 21.73 -1.34
C ILE B 15 10.58 22.83 -1.17
N SER B 16 10.96 24.02 -1.62
CA SER B 16 10.10 25.18 -1.65
C SER B 16 10.81 26.20 -2.53
N LEU B 17 10.21 26.64 -3.65
CA LEU B 17 8.86 26.34 -4.17
C LEU B 17 8.00 27.60 -4.10
N THR B 18 8.23 28.51 -5.05
CA THR B 18 7.55 29.80 -5.10
C THR B 18 6.07 29.69 -4.75
N GLU B 19 5.46 30.79 -4.34
CA GLU B 19 4.08 30.74 -3.88
C GLU B 19 3.10 30.48 -5.02
N HIS B 20 3.38 31.01 -6.20
CA HIS B 20 2.56 30.71 -7.36
C HIS B 20 2.84 29.27 -7.77
N GLN B 21 4.03 28.80 -7.44
CA GLN B 21 4.41 27.43 -7.70
C GLN B 21 3.64 26.52 -6.76
N ARG B 22 3.41 26.99 -5.53
CA ARG B 22 2.60 26.25 -4.57
C ARG B 22 1.12 26.29 -4.98
N GLN B 23 0.69 27.42 -5.53
CA GLN B 23 -0.66 27.54 -6.06
C GLN B 23 -0.86 26.49 -7.14
N GLN B 24 -0.08 26.60 -8.20
CA GLN B 24 -0.17 25.66 -9.32
C GLN B 24 0.03 24.23 -8.85
N MET B 25 0.77 24.06 -7.76
CA MET B 25 1.03 22.74 -7.21
C MET B 25 -0.25 22.17 -6.62
N ARG B 26 -0.66 22.73 -5.49
CA ARG B 26 -1.87 22.30 -4.81
C ARG B 26 -3.05 22.27 -5.77
N ASP B 27 -2.94 22.97 -6.88
CA ASP B 27 -4.00 23.00 -7.88
C ASP B 27 -3.51 22.48 -9.22
N LEU B 28 -3.72 21.18 -9.46
CA LEU B 28 -4.45 20.35 -8.52
C LEU B 28 -3.59 19.17 -8.05
N MET B 29 -3.11 19.24 -6.81
CA MET B 29 -2.41 18.12 -6.20
C MET B 29 -3.40 17.25 -5.44
N GLN B 30 -4.52 17.85 -5.03
CA GLN B 30 -5.58 17.09 -4.37
C GLN B 30 -6.34 16.27 -5.40
N GLN B 31 -6.20 16.66 -6.67
CA GLN B 31 -6.66 15.80 -7.74
C GLN B 31 -5.86 14.51 -7.68
N ALA B 32 -4.73 14.56 -6.98
CA ALA B 32 -3.91 13.37 -6.72
C ALA B 32 -4.35 12.70 -5.43
N ARG B 33 -5.03 13.47 -4.59
CA ARG B 33 -5.73 12.90 -3.44
C ARG B 33 -7.01 12.29 -3.97
N HIS B 34 -7.43 12.80 -5.14
CA HIS B 34 -8.58 12.28 -5.86
C HIS B 34 -8.14 11.12 -6.74
N GLU B 35 -8.98 10.10 -6.83
CA GLU B 35 -8.63 8.88 -7.55
C GLU B 35 -7.46 8.16 -6.85
N GLN B 36 -7.39 8.35 -5.54
CA GLN B 36 -6.58 7.52 -4.66
C GLN B 36 -7.38 6.23 -4.45
N PRO B 37 -6.89 5.31 -3.60
CA PRO B 37 -7.65 4.07 -3.43
C PRO B 37 -8.66 4.12 -2.29
N PRO B 38 -9.96 4.27 -2.59
CA PRO B 38 -11.03 4.26 -1.59
C PRO B 38 -11.62 2.87 -1.45
N VAL B 39 -11.14 2.09 -0.49
CA VAL B 39 -11.51 0.69 -0.34
C VAL B 39 -13.02 0.47 -0.13
N ASN B 40 -13.48 -0.73 -0.49
CA ASN B 40 -14.87 -1.12 -0.28
C ASN B 40 -15.06 -1.68 1.11
N VAL B 41 -16.30 -1.66 1.58
CA VAL B 41 -16.65 -2.49 2.73
C VAL B 41 -16.71 -3.92 2.21
N SER B 42 -16.80 -4.06 0.89
CA SER B 42 -16.89 -5.36 0.25
C SER B 42 -15.56 -6.09 0.23
N GLU B 43 -14.61 -5.53 -0.50
CA GLU B 43 -13.28 -6.08 -0.56
C GLU B 43 -12.91 -6.49 0.85
N LEU B 44 -13.10 -5.55 1.78
CA LEU B 44 -12.77 -5.78 3.19
C LEU B 44 -13.54 -6.93 3.83
N GLU B 45 -14.83 -7.04 3.55
CA GLU B 45 -15.63 -8.08 4.18
C GLU B 45 -15.21 -9.46 3.70
N THR B 46 -15.05 -9.61 2.39
CA THR B 46 -14.73 -10.91 1.82
C THR B 46 -13.30 -11.29 2.19
N MET B 47 -12.42 -10.29 2.16
CA MET B 47 -11.04 -10.49 2.58
C MET B 47 -11.04 -11.04 4.01
N HIS B 48 -11.70 -10.31 4.90
CA HIS B 48 -11.87 -10.76 6.27
C HIS B 48 -12.35 -12.19 6.38
N ARG B 49 -13.42 -12.52 5.65
CA ARG B 49 -14.00 -13.87 5.69
C ARG B 49 -12.95 -14.92 5.30
N LEU B 50 -12.18 -14.61 4.27
CA LEU B 50 -11.15 -15.52 3.80
C LEU B 50 -10.05 -15.72 4.84
N VAL B 51 -9.61 -14.60 5.42
CA VAL B 51 -8.52 -14.63 6.36
C VAL B 51 -8.91 -15.30 7.67
N THR B 52 -10.20 -15.28 7.98
CA THR B 52 -10.65 -15.83 9.26
C THR B 52 -11.09 -17.26 9.13
N ALA B 53 -11.02 -17.82 7.92
CA ALA B 53 -11.57 -19.15 7.63
C ALA B 53 -10.81 -20.25 8.39
N GLU B 54 -11.50 -21.37 8.63
CA GLU B 54 -10.92 -22.52 9.35
C GLU B 54 -9.72 -23.06 8.60
N ASN B 55 -9.97 -23.58 7.41
CA ASN B 55 -8.90 -23.93 6.50
C ASN B 55 -8.76 -22.83 5.44
N PHE B 56 -7.52 -22.51 5.10
CA PHE B 56 -7.19 -21.37 4.25
C PHE B 56 -7.29 -21.67 2.76
N ASP B 57 -7.98 -20.80 2.01
CA ASP B 57 -8.09 -20.95 0.56
C ASP B 57 -7.20 -19.96 -0.21
N GLU B 58 -5.90 -20.24 -0.19
CA GLU B 58 -4.90 -19.47 -0.91
C GLU B 58 -5.35 -19.01 -2.30
N ASN B 59 -5.87 -19.92 -3.15
CA ASN B 59 -6.26 -19.54 -4.52
C ASN B 59 -7.34 -18.49 -4.56
N ALA B 60 -8.23 -18.53 -3.57
CA ALA B 60 -9.29 -17.55 -3.46
C ALA B 60 -8.70 -16.19 -3.15
N VAL B 61 -7.88 -16.13 -2.11
CA VAL B 61 -7.29 -14.87 -1.69
C VAL B 61 -6.43 -14.28 -2.81
N ARG B 62 -5.70 -15.15 -3.51
CA ARG B 62 -4.90 -14.67 -4.64
C ARG B 62 -5.86 -14.05 -5.64
N ALA B 63 -6.92 -14.78 -6.00
CA ALA B 63 -7.91 -14.24 -6.92
C ALA B 63 -8.37 -12.82 -6.54
N GLN B 64 -8.69 -12.64 -5.26
CA GLN B 64 -9.20 -11.37 -4.76
C GLN B 64 -8.12 -10.28 -4.85
N ALA B 65 -6.89 -10.65 -4.51
CA ALA B 65 -5.79 -9.73 -4.64
C ALA B 65 -5.66 -9.29 -6.09
N GLU B 66 -5.58 -10.24 -7.03
CA GLU B 66 -5.37 -9.86 -8.41
C GLU B 66 -6.48 -8.96 -8.92
N LYS B 67 -7.72 -9.25 -8.51
CA LYS B 67 -8.79 -8.34 -8.89
C LYS B 67 -8.43 -6.96 -8.37
N MET B 68 -8.29 -6.84 -7.05
CA MET B 68 -8.05 -5.53 -6.44
C MET B 68 -6.95 -4.74 -7.19
N ALA B 69 -5.84 -5.40 -7.47
CA ALA B 69 -4.71 -4.76 -8.13
C ALA B 69 -5.09 -4.30 -9.54
N ASN B 70 -5.49 -5.27 -10.37
CA ASN B 70 -5.93 -4.99 -11.74
C ASN B 70 -6.82 -3.77 -11.75
N GLU B 71 -7.56 -3.58 -10.65
CA GLU B 71 -8.34 -2.36 -10.48
C GLU B 71 -7.42 -1.16 -10.29
N GLN B 72 -6.76 -1.10 -9.14
CA GLN B 72 -5.95 0.06 -8.77
C GLN B 72 -5.13 0.60 -9.93
N ILE B 73 -4.65 -0.28 -10.79
CA ILE B 73 -3.75 0.14 -11.88
C ILE B 73 -4.13 1.48 -12.53
N ALA B 74 -5.43 1.67 -12.78
CA ALA B 74 -5.90 2.92 -13.36
C ALA B 74 -5.45 4.10 -12.52
N ARG B 75 -5.91 4.15 -11.27
CA ARG B 75 -5.49 5.18 -10.33
C ARG B 75 -3.99 5.33 -10.45
N GLN B 76 -3.27 4.25 -10.15
CA GLN B 76 -1.82 4.29 -10.23
C GLN B 76 -1.39 5.18 -11.39
N VAL B 77 -1.85 4.85 -12.59
CA VAL B 77 -1.47 5.58 -13.80
C VAL B 77 -1.85 7.07 -13.76
N GLU B 78 -3.09 7.36 -13.36
CA GLU B 78 -3.56 8.73 -13.29
C GLU B 78 -2.66 9.55 -12.37
N MET B 79 -2.53 9.09 -11.13
CA MET B 79 -1.75 9.81 -10.14
C MET B 79 -0.30 9.94 -10.60
N ALA B 80 0.15 8.99 -11.41
CA ALA B 80 1.47 9.09 -11.99
C ALA B 80 1.52 10.27 -12.94
N LYS B 81 0.45 10.43 -13.72
CA LYS B 81 0.32 11.55 -14.64
C LYS B 81 0.39 12.88 -13.88
N VAL B 82 -0.45 13.02 -12.86
CA VAL B 82 -0.43 14.22 -12.05
C VAL B 82 0.98 14.49 -11.56
N ARG B 83 1.55 13.49 -10.89
CA ARG B 83 2.90 13.63 -10.37
C ARG B 83 3.83 14.17 -11.43
N ASN B 84 3.79 13.60 -12.62
CA ASN B 84 4.66 14.07 -13.70
C ASN B 84 4.43 15.56 -13.96
N GLN B 85 3.18 15.99 -13.97
CA GLN B 85 2.88 17.41 -14.18
C GLN B 85 3.56 18.26 -13.12
N MET B 86 3.28 17.94 -11.86
CA MET B 86 3.93 18.64 -10.77
C MET B 86 5.44 18.71 -10.97
N TYR B 87 6.03 17.61 -11.45
CA TYR B 87 7.47 17.57 -11.67
C TYR B 87 7.87 18.59 -12.74
N ARG B 88 7.11 18.63 -13.83
CA ARG B 88 7.42 19.52 -14.93
C ARG B 88 7.33 20.98 -14.48
N LEU B 89 6.48 21.25 -13.48
CA LEU B 89 6.37 22.60 -12.96
C LEU B 89 7.55 23.07 -12.08
N LEU B 90 8.68 22.37 -12.15
CA LEU B 90 9.82 22.67 -11.27
C LEU B 90 11.08 23.10 -12.02
N THR B 91 12.00 23.74 -11.30
CA THR B 91 13.27 24.13 -11.87
C THR B 91 14.28 23.02 -11.73
N PRO B 92 15.15 22.85 -12.73
CA PRO B 92 16.12 21.77 -12.80
C PRO B 92 16.87 21.56 -11.49
N GLU B 93 16.95 22.61 -10.67
CA GLU B 93 17.64 22.50 -9.39
C GLU B 93 16.70 21.91 -8.34
N GLN B 94 15.47 22.41 -8.32
CA GLN B 94 14.45 21.81 -7.49
C GLN B 94 14.40 20.33 -7.83
N GLN B 95 14.29 20.04 -9.13
CA GLN B 95 14.35 18.67 -9.61
C GLN B 95 15.56 17.93 -9.03
N ALA B 96 16.75 18.47 -9.21
CA ALA B 96 17.97 17.89 -8.61
C ALA B 96 17.71 17.41 -7.19
N VAL B 97 17.15 18.29 -6.37
CA VAL B 97 16.85 17.93 -4.98
C VAL B 97 15.85 16.79 -4.89
N LEU B 98 14.86 16.81 -5.79
CA LEU B 98 13.89 15.72 -5.83
C LEU B 98 14.60 14.39 -6.07
N ASN B 99 15.33 14.31 -7.19
CA ASN B 99 16.00 13.09 -7.59
C ASN B 99 16.98 12.63 -6.51
N GLU B 100 17.57 13.58 -5.81
CA GLU B 100 18.41 13.21 -4.68
C GLU B 100 17.58 12.52 -3.60
N LYS B 101 16.46 13.13 -3.20
CA LYS B 101 15.60 12.51 -2.18
C LYS B 101 15.20 11.09 -2.59
N HIS B 102 14.69 10.97 -3.81
CA HIS B 102 14.34 9.69 -4.39
C HIS B 102 15.49 8.68 -4.22
N GLN B 103 16.67 9.02 -4.75
CA GLN B 103 17.82 8.12 -4.65
C GLN B 103 18.16 7.71 -3.23
N GLN B 104 18.08 8.64 -2.30
CA GLN B 104 18.23 8.31 -0.88
C GLN B 104 17.24 7.19 -0.51
N ARG B 105 15.97 7.48 -0.70
CA ARG B 105 14.90 6.51 -0.43
C ARG B 105 15.24 5.14 -0.99
N MET B 106 15.74 5.10 -2.23
CA MET B 106 16.11 3.83 -2.86
C MET B 106 17.19 3.14 -2.04
N GLU B 107 18.29 3.84 -1.78
CA GLU B 107 19.38 3.23 -1.02
C GLU B 107 18.84 2.62 0.26
N GLN B 108 18.05 3.40 1.00
CA GLN B 108 17.45 2.90 2.23
C GLN B 108 16.76 1.58 1.94
N LEU B 109 15.92 1.57 0.91
CA LEU B 109 15.20 0.35 0.57
C LEU B 109 16.15 -0.83 0.34
N ARG B 110 17.26 -0.61 -0.34
CA ARG B 110 18.22 -1.69 -0.57
C ARG B 110 18.81 -2.19 0.75
N ASP B 111 19.30 -1.28 1.56
CA ASP B 111 19.82 -1.63 2.86
C ASP B 111 18.83 -2.56 3.56
N VAL B 112 17.55 -2.20 3.51
CA VAL B 112 16.53 -3.02 4.16
C VAL B 112 16.40 -4.39 3.49
N THR B 113 16.48 -4.41 2.17
CA THR B 113 16.43 -5.70 1.47
C THR B 113 17.55 -6.61 1.98
N GLN B 114 18.78 -6.10 1.99
CA GLN B 114 19.91 -6.92 2.42
C GLN B 114 19.71 -7.39 3.84
N TRP B 115 19.28 -6.48 4.70
CA TRP B 115 19.14 -6.87 6.09
C TRP B 115 18.14 -8.00 6.23
N GLN B 116 17.03 -7.92 5.50
CA GLN B 116 15.99 -8.94 5.55
C GLN B 116 16.27 -10.14 4.65
N LYS B 117 17.38 -10.12 3.92
CA LYS B 117 17.71 -11.23 3.05
C LYS B 117 18.12 -12.45 3.85
#